data_8ECH
#
_entry.id   8ECH
#
_cell.length_a   78.209
_cell.length_b   90.050
_cell.length_c   99.218
_cell.angle_alpha   90.00
_cell.angle_beta   90.00
_cell.angle_gamma   90.00
#
_symmetry.space_group_name_H-M   'P 21 21 21'
#
loop_
_entity.id
_entity.type
_entity.pdbx_description
1 polymer 'Capsid protein C'
2 polymer 'Importin subunit alpha-1'
3 water water
#
loop_
_entity_poly.entity_id
_entity_poly.type
_entity_poly.pdbx_seq_one_letter_code
_entity_poly.pdbx_strand_id
1 'polypeptide(L)' SRKIKRTVSALMVGLQKRGKRR C
2 'polypeptide(L)'
;MHHHHHHSSGLVPRGSGMLETAAALFERNHMDSPDLGTDDDDLAMADIGSNQGTVNWSVEDIVKGINSNNLESQLQATQA
ARKLLSREKQPPIDNIIRAGLIPKFVSFLGKTDCSPIQFESAWALTNIASGTSEQTKAVVDGGAIPAFISLLASPHAHIS
EQAVWALGNIAGDGSAFRDLVIKHGAIDPLLALLAVPDLSTLACGYLRNLTWTLSNLCRNKNPAPPLDAVEQILPTLVRL
LHHNDPEVLADSCWAISYLTDGPNERIEMVVKKGVVPQLVKLLGATELPIVTPALRAIGNIVTGTDEQTQKVIDAGALAV
FPSLLTNPKTNIQKEATWTMSNITAGRQDQIQQVVNHGLVPFLVGVLSKADFKTQKEAAWAITNYTSGGTVEQIVYLVHC
GIIEPLMNLLSAKDTKIIQVILDAISNIFQAAEKLGETEKLSIMIEECGGLDKIEALQRHENESVYKASLNLIEKYFSVE
EEEDQNVVPETTSEGFAFQVQDGAPGTFNF
;
E
#
# COMPACT_ATOMS: atom_id res chain seq x y z
N ARG A 2 17.23 -5.59 12.52
CA ARG A 2 16.16 -6.52 12.84
C ARG A 2 14.87 -6.19 12.07
N LYS A 3 14.63 -4.90 11.85
CA LYS A 3 13.44 -4.48 11.13
C LYS A 3 13.59 -4.80 9.64
N ILE A 4 12.49 -5.21 9.02
CA ILE A 4 12.46 -5.66 7.63
C ILE A 4 11.51 -4.74 6.87
N LYS A 5 12.02 -4.05 5.84
CA LYS A 5 11.21 -3.09 5.11
C LYS A 5 10.13 -3.77 4.29
N ARG A 6 10.37 -5.00 3.85
CA ARG A 6 9.40 -5.76 3.06
C ARG A 6 8.94 -4.95 1.84
N GLN A 16 -2.41 2.53 -10.25
CA GLN A 16 -3.50 1.84 -10.91
C GLN A 16 -4.17 2.77 -11.93
N LYS A 17 -5.07 2.21 -12.72
CA LYS A 17 -5.78 2.96 -13.75
C LYS A 17 -7.28 2.69 -13.64
N ARG A 18 -8.07 3.70 -14.02
CA ARG A 18 -9.52 3.62 -13.97
C ARG A 18 -10.11 4.13 -15.27
N GLY A 19 -10.94 3.31 -15.89
CA GLY A 19 -11.71 3.74 -17.04
C GLY A 19 -13.04 4.33 -16.61
N LYS A 20 -13.56 5.25 -17.41
CA LYS A 20 -14.83 5.90 -17.12
C LYS A 20 -15.97 5.17 -17.85
N ARG A 21 -17.04 4.90 -17.12
CA ARG A 21 -18.15 4.09 -17.62
C ARG A 21 -17.66 2.75 -18.17
N GLY B 53 -27.64 9.28 -32.22
CA GLY B 53 -27.19 8.15 -33.01
C GLY B 53 -25.67 8.04 -33.11
N THR B 54 -24.98 8.31 -32.00
CA THR B 54 -23.54 8.11 -31.91
C THR B 54 -23.19 6.76 -31.27
N VAL B 55 -24.10 5.79 -31.37
CA VAL B 55 -23.93 4.50 -30.73
C VAL B 55 -23.61 3.45 -31.80
N ASN B 56 -22.64 2.59 -31.49
CA ASN B 56 -22.25 1.49 -32.37
C ASN B 56 -21.75 2.00 -33.72
N TRP B 57 -21.02 3.11 -33.71
CA TRP B 57 -20.32 3.53 -34.91
C TRP B 57 -19.19 2.56 -35.21
N SER B 58 -18.82 2.48 -36.49
CA SER B 58 -17.61 1.78 -36.87
C SER B 58 -16.42 2.71 -36.75
N VAL B 59 -15.23 2.12 -36.59
CA VAL B 59 -14.03 2.93 -36.56
C VAL B 59 -13.85 3.67 -37.87
N GLU B 60 -14.24 3.05 -38.98
CA GLU B 60 -14.15 3.72 -40.27
C GLU B 60 -15.02 4.97 -40.31
N ASP B 61 -16.25 4.88 -39.78
CA ASP B 61 -17.14 6.04 -39.75
C ASP B 61 -16.60 7.13 -38.82
N ILE B 62 -16.09 6.73 -37.66
CA ILE B 62 -15.47 7.70 -36.76
C ILE B 62 -14.35 8.43 -37.48
N VAL B 63 -13.50 7.69 -38.21
CA VAL B 63 -12.38 8.30 -38.91
C VAL B 63 -12.91 9.26 -39.98
N LYS B 64 -13.92 8.83 -40.74
CA LYS B 64 -14.50 9.71 -41.74
C LYS B 64 -14.97 11.02 -41.13
N GLY B 65 -15.66 10.94 -40.00
CA GLY B 65 -16.17 12.14 -39.37
C GLY B 65 -15.07 13.03 -38.81
N ILE B 66 -14.07 12.43 -38.17
CA ILE B 66 -13.01 13.23 -37.57
C ILE B 66 -12.14 13.87 -38.65
N ASN B 67 -12.02 13.23 -39.81
CA ASN B 67 -11.24 13.79 -40.90
C ASN B 67 -12.03 14.79 -41.73
N SER B 68 -13.33 14.95 -41.48
CA SER B 68 -14.08 16.00 -42.13
C SER B 68 -13.54 17.35 -41.70
N ASN B 69 -13.86 18.38 -42.48
CA ASN B 69 -13.49 19.75 -42.14
C ASN B 69 -14.57 20.47 -41.35
N ASN B 70 -15.40 19.72 -40.63
CA ASN B 70 -16.61 20.24 -40.02
C ASN B 70 -16.54 19.97 -38.52
N LEU B 71 -16.47 21.04 -37.72
CA LEU B 71 -16.29 20.87 -36.28
C LEU B 71 -17.42 20.05 -35.66
N GLU B 72 -18.65 20.22 -36.15
CA GLU B 72 -19.77 19.48 -35.59
C GLU B 72 -19.73 18.00 -35.99
N SER B 73 -19.37 17.72 -37.24
CA SER B 73 -19.17 16.33 -37.63
C SER B 73 -18.05 15.69 -36.81
N GLN B 74 -16.96 16.44 -36.60
CA GLN B 74 -15.87 15.95 -35.76
C GLN B 74 -16.36 15.68 -34.35
N LEU B 75 -17.22 16.55 -33.82
CA LEU B 75 -17.76 16.35 -32.48
C LEU B 75 -18.61 15.08 -32.41
N GLN B 76 -19.48 14.89 -33.41
CA GLN B 76 -20.30 13.67 -33.43
C GLN B 76 -19.41 12.43 -33.45
N ALA B 77 -18.39 12.43 -34.30
CA ALA B 77 -17.51 11.28 -34.42
C ALA B 77 -16.72 11.06 -33.14
N THR B 78 -16.27 12.13 -32.49
CA THR B 78 -15.52 12.00 -31.25
C THR B 78 -16.41 11.45 -30.13
N GLN B 79 -17.67 11.89 -30.08
CA GLN B 79 -18.60 11.31 -29.11
C GLN B 79 -18.84 9.82 -29.40
N ALA B 80 -18.95 9.47 -30.68
CA ALA B 80 -19.11 8.05 -31.02
C ALA B 80 -17.90 7.24 -30.57
N ALA B 81 -16.70 7.79 -30.76
CA ALA B 81 -15.50 7.12 -30.27
C ALA B 81 -15.53 6.98 -28.75
N ARG B 82 -15.91 8.05 -28.05
CA ARG B 82 -16.03 7.98 -26.60
C ARG B 82 -16.95 6.85 -26.18
N LYS B 83 -18.08 6.71 -26.86
CA LYS B 83 -19.03 5.66 -26.50
C LYS B 83 -18.47 4.28 -26.79
N LEU B 84 -17.78 4.11 -27.92
CA LEU B 84 -17.10 2.85 -28.19
C LEU B 84 -16.12 2.52 -27.07
N LEU B 85 -15.32 3.50 -26.65
CA LEU B 85 -14.27 3.27 -25.67
C LEU B 85 -14.78 3.15 -24.25
N SER B 86 -16.05 3.47 -24.00
CA SER B 86 -16.61 3.45 -22.66
C SER B 86 -17.52 2.23 -22.43
N ARG B 87 -17.39 1.20 -23.25
CA ARG B 87 -18.14 -0.04 -23.08
C ARG B 87 -17.24 -1.06 -22.38
N GLU B 88 -17.84 -1.82 -21.45
CA GLU B 88 -17.08 -2.79 -20.68
C GLU B 88 -16.65 -4.00 -21.50
N LYS B 89 -17.32 -4.24 -22.63
CA LYS B 89 -17.04 -5.41 -23.47
C LYS B 89 -15.93 -5.09 -24.44
N GLN B 90 -14.69 -5.36 -24.02
CA GLN B 90 -13.52 -5.26 -24.89
C GLN B 90 -13.53 -3.98 -25.70
N PRO B 91 -13.28 -2.82 -25.08
CA PRO B 91 -13.25 -1.57 -25.85
C PRO B 91 -12.15 -1.61 -26.90
N PRO B 92 -12.46 -1.23 -28.15
CA PRO B 92 -11.49 -1.37 -29.24
C PRO B 92 -10.38 -0.31 -29.19
N ILE B 93 -9.63 -0.31 -28.08
CA ILE B 93 -8.58 0.68 -27.89
C ILE B 93 -7.55 0.57 -29.00
N ASP B 94 -7.04 -0.64 -29.24
CA ASP B 94 -5.98 -0.80 -30.24
C ASP B 94 -6.45 -0.42 -31.63
N ASN B 95 -7.73 -0.68 -31.95
CA ASN B 95 -8.25 -0.26 -33.25
C ASN B 95 -8.27 1.26 -33.36
N ILE B 96 -8.66 1.95 -32.28
CA ILE B 96 -8.67 3.41 -32.30
C ILE B 96 -7.26 3.96 -32.44
N ILE B 97 -6.29 3.34 -31.77
CA ILE B 97 -4.91 3.80 -31.87
C ILE B 97 -4.38 3.58 -33.29
N ARG B 98 -4.57 2.37 -33.82
CA ARG B 98 -4.12 2.08 -35.18
C ARG B 98 -4.73 3.04 -36.18
N ALA B 99 -5.98 3.47 -35.95
CA ALA B 99 -6.62 4.42 -36.85
C ALA B 99 -5.98 5.80 -36.82
N GLY B 100 -5.05 6.05 -35.90
CA GLY B 100 -4.36 7.32 -35.86
C GLY B 100 -5.15 8.46 -35.27
N LEU B 101 -6.12 8.16 -34.39
CA LEU B 101 -7.03 9.18 -33.89
C LEU B 101 -6.49 9.95 -32.69
N ILE B 102 -5.46 9.45 -32.01
CA ILE B 102 -4.99 10.12 -30.79
C ILE B 102 -4.57 11.57 -31.07
N PRO B 103 -3.76 11.87 -32.08
CA PRO B 103 -3.39 13.28 -32.31
C PRO B 103 -4.58 14.17 -32.58
N LYS B 104 -5.61 13.66 -33.26
CA LYS B 104 -6.82 14.45 -33.48
C LYS B 104 -7.51 14.77 -32.16
N PHE B 105 -7.68 13.76 -31.30
CA PHE B 105 -8.24 14.00 -29.97
C PHE B 105 -7.44 15.05 -29.22
N VAL B 106 -6.11 14.94 -29.26
CA VAL B 106 -5.27 15.89 -28.52
C VAL B 106 -5.49 17.30 -29.06
N SER B 107 -5.53 17.45 -30.38
CA SER B 107 -5.80 18.77 -30.95
C SER B 107 -7.18 19.27 -30.52
N PHE B 108 -8.15 18.37 -30.40
CA PHE B 108 -9.48 18.77 -29.94
C PHE B 108 -9.45 19.26 -28.50
N LEU B 109 -8.54 18.73 -27.68
CA LEU B 109 -8.45 19.21 -26.31
C LEU B 109 -8.24 20.72 -26.24
N GLY B 110 -7.73 21.34 -27.30
CA GLY B 110 -7.42 22.75 -27.31
C GLY B 110 -8.45 23.66 -27.94
N LYS B 111 -9.63 23.14 -28.31
CA LYS B 111 -10.67 23.95 -28.94
C LYS B 111 -11.51 24.60 -27.85
N THR B 112 -11.06 25.77 -27.39
CA THR B 112 -11.65 26.40 -26.22
C THR B 112 -13.13 26.70 -26.42
N ASP B 113 -13.50 27.21 -27.59
CA ASP B 113 -14.88 27.63 -27.85
C ASP B 113 -15.74 26.50 -28.40
N CYS B 114 -15.33 25.24 -28.23
CA CYS B 114 -16.20 24.09 -28.43
C CYS B 114 -15.97 23.15 -27.24
N SER B 115 -16.45 23.55 -26.07
CA SER B 115 -16.24 22.74 -24.89
C SER B 115 -16.75 21.30 -25.04
N PRO B 116 -17.83 21.02 -25.78
CA PRO B 116 -18.25 19.62 -25.93
C PRO B 116 -17.17 18.74 -26.53
N ILE B 117 -16.45 19.21 -27.54
CA ILE B 117 -15.44 18.36 -28.16
C ILE B 117 -14.24 18.23 -27.25
N GLN B 118 -13.91 19.27 -26.49
CA GLN B 118 -12.91 19.14 -25.44
C GLN B 118 -13.27 18.01 -24.48
N PHE B 119 -14.51 17.99 -24.01
CA PHE B 119 -14.94 16.97 -23.06
C PHE B 119 -14.91 15.58 -23.68
N GLU B 120 -15.48 15.44 -24.88
CA GLU B 120 -15.54 14.13 -25.51
C GLU B 120 -14.15 13.58 -25.81
N SER B 121 -13.25 14.43 -26.31
CA SER B 121 -11.88 13.97 -26.59
C SER B 121 -11.14 13.66 -25.29
N ALA B 122 -11.36 14.45 -24.25
CA ALA B 122 -10.73 14.16 -22.96
C ALA B 122 -11.19 12.80 -22.43
N TRP B 123 -12.48 12.51 -22.55
CA TRP B 123 -13.01 11.24 -22.08
C TRP B 123 -12.46 10.08 -22.89
N ALA B 124 -12.45 10.21 -24.22
CA ALA B 124 -11.89 9.16 -25.06
C ALA B 124 -10.43 8.89 -24.72
N LEU B 125 -9.64 9.96 -24.56
CA LEU B 125 -8.23 9.79 -24.24
C LEU B 125 -8.06 9.23 -22.84
N THR B 126 -8.91 9.62 -21.90
CA THR B 126 -8.85 9.03 -20.56
C THR B 126 -9.02 7.53 -20.62
N ASN B 127 -10.00 7.07 -21.41
CA ASN B 127 -10.24 5.64 -21.48
C ASN B 127 -9.12 4.92 -22.23
N ILE B 128 -8.52 5.56 -23.22
CA ILE B 128 -7.34 4.96 -23.85
C ILE B 128 -6.21 4.83 -22.83
N ALA B 129 -5.93 5.91 -22.10
CA ALA B 129 -4.84 5.92 -21.13
C ALA B 129 -5.06 4.96 -19.98
N SER B 130 -6.29 4.52 -19.75
CA SER B 130 -6.62 3.57 -18.70
C SER B 130 -6.18 2.15 -19.03
N GLY B 131 -5.67 1.90 -20.24
CA GLY B 131 -5.35 0.55 -20.64
C GLY B 131 -3.92 0.14 -20.33
N THR B 132 -3.31 -0.60 -21.25
CA THR B 132 -1.95 -1.09 -21.05
C THR B 132 -0.95 0.05 -21.06
N SER B 133 0.28 -0.26 -20.65
CA SER B 133 1.34 0.74 -20.66
C SER B 133 1.61 1.24 -22.07
N GLU B 134 1.44 0.37 -23.08
CA GLU B 134 1.63 0.82 -24.46
C GLU B 134 0.54 1.78 -24.90
N GLN B 135 -0.70 1.56 -24.43
CA GLN B 135 -1.79 2.46 -24.78
C GLN B 135 -1.65 3.81 -24.08
N THR B 136 -1.34 3.80 -22.78
CA THR B 136 -1.02 5.04 -22.10
C THR B 136 0.13 5.75 -22.81
N LYS B 137 1.16 5.00 -23.20
CA LYS B 137 2.29 5.59 -23.90
C LYS B 137 1.85 6.23 -25.20
N ALA B 138 0.92 5.59 -25.93
CA ALA B 138 0.41 6.19 -27.15
C ALA B 138 -0.26 7.53 -26.84
N VAL B 139 -0.97 7.61 -25.72
CA VAL B 139 -1.60 8.87 -25.34
C VAL B 139 -0.53 9.93 -25.05
N VAL B 140 0.48 9.57 -24.27
CA VAL B 140 1.53 10.52 -23.92
C VAL B 140 2.27 10.99 -25.17
N ASP B 141 2.56 10.06 -26.09
CA ASP B 141 3.29 10.40 -27.29
C ASP B 141 2.52 11.37 -28.18
N GLY B 142 1.20 11.41 -28.08
CA GLY B 142 0.39 12.36 -28.80
C GLY B 142 0.40 13.77 -28.27
N GLY B 143 1.18 14.05 -27.21
CA GLY B 143 1.24 15.37 -26.63
C GLY B 143 0.14 15.67 -25.63
N ALA B 144 -0.43 14.65 -25.00
CA ALA B 144 -1.64 14.86 -24.20
C ALA B 144 -1.35 15.52 -22.86
N ILE B 145 -0.16 15.35 -22.29
CA ILE B 145 0.11 15.82 -20.93
C ILE B 145 -0.08 17.33 -20.83
N PRO B 146 0.61 18.13 -21.65
CA PRO B 146 0.44 19.60 -21.52
C PRO B 146 -0.96 20.06 -21.87
N ALA B 147 -1.63 19.41 -22.82
CA ALA B 147 -3.00 19.78 -23.14
C ALA B 147 -3.94 19.54 -21.95
N PHE B 148 -3.80 18.40 -21.28
CA PHE B 148 -4.61 18.12 -20.10
C PHE B 148 -4.30 19.09 -18.97
N ILE B 149 -3.02 19.43 -18.79
CA ILE B 149 -2.68 20.38 -17.74
C ILE B 149 -3.31 21.73 -18.04
N SER B 150 -3.30 22.15 -19.30
CA SER B 150 -3.97 23.39 -19.67
C SER B 150 -5.47 23.29 -19.42
N LEU B 151 -6.05 22.10 -19.57
CA LEU B 151 -7.48 21.95 -19.31
C LEU B 151 -7.80 22.04 -17.82
N LEU B 152 -6.84 21.68 -16.95
CA LEU B 152 -7.09 21.75 -15.52
C LEU B 152 -7.69 23.09 -15.10
N ALA B 153 -7.39 24.16 -15.84
CA ALA B 153 -7.89 25.49 -15.52
C ALA B 153 -9.19 25.84 -16.27
N SER B 154 -9.85 24.85 -16.86
CA SER B 154 -11.05 25.14 -17.63
C SER B 154 -12.16 25.66 -16.71
N PRO B 155 -12.99 26.60 -17.18
CA PRO B 155 -14.12 27.06 -16.36
C PRO B 155 -15.23 26.04 -16.26
N HIS B 156 -15.23 25.00 -17.09
CA HIS B 156 -16.24 23.94 -17.02
C HIS B 156 -15.72 22.84 -16.11
N ALA B 157 -16.47 22.55 -15.05
CA ALA B 157 -15.99 21.61 -14.03
C ALA B 157 -15.82 20.20 -14.60
N HIS B 158 -16.74 19.77 -15.46
CA HIS B 158 -16.64 18.40 -15.98
C HIS B 158 -15.39 18.22 -16.83
N ILE B 159 -14.97 19.27 -17.54
CA ILE B 159 -13.77 19.17 -18.36
C ILE B 159 -12.51 19.13 -17.49
N SER B 160 -12.44 20.00 -16.48
CA SER B 160 -11.30 19.96 -15.57
C SER B 160 -11.21 18.62 -14.86
N GLU B 161 -12.35 18.10 -14.40
CA GLU B 161 -12.36 16.79 -13.77
C GLU B 161 -11.87 15.70 -14.72
N GLN B 162 -12.29 15.75 -15.99
CA GLN B 162 -11.84 14.74 -16.94
C GLN B 162 -10.33 14.84 -17.15
N ALA B 163 -9.80 16.06 -17.18
CA ALA B 163 -8.35 16.23 -17.30
C ALA B 163 -7.63 15.66 -16.09
N VAL B 164 -8.20 15.87 -14.90
CA VAL B 164 -7.65 15.29 -13.68
C VAL B 164 -7.58 13.77 -13.80
N TRP B 165 -8.69 13.17 -14.25
CA TRP B 165 -8.76 11.72 -14.43
C TRP B 165 -7.68 11.23 -15.39
N ALA B 166 -7.56 11.90 -16.54
CA ALA B 166 -6.58 11.48 -17.54
C ALA B 166 -5.17 11.55 -16.98
N LEU B 167 -4.83 12.67 -16.33
CA LEU B 167 -3.51 12.79 -15.73
C LEU B 167 -3.29 11.74 -14.66
N GLY B 168 -4.34 11.35 -13.94
CA GLY B 168 -4.20 10.28 -12.96
C GLY B 168 -3.82 8.96 -13.59
N ASN B 169 -4.48 8.60 -14.69
CA ASN B 169 -4.14 7.36 -15.40
C ASN B 169 -2.69 7.42 -15.90
N ILE B 170 -2.31 8.54 -16.51
CA ILE B 170 -0.96 8.67 -17.06
C ILE B 170 0.08 8.54 -15.94
N ALA B 171 -0.07 9.34 -14.88
CA ALA B 171 0.87 9.26 -13.77
C ALA B 171 0.90 7.87 -13.15
N GLY B 172 -0.25 7.21 -13.10
CA GLY B 172 -0.33 5.89 -12.50
C GLY B 172 0.29 4.80 -13.34
N ASP B 173 0.57 5.06 -14.62
CA ASP B 173 1.31 4.07 -15.40
C ASP B 173 2.62 3.66 -14.72
N GLY B 174 3.39 4.61 -14.22
CA GLY B 174 4.68 4.27 -13.64
C GLY B 174 5.49 5.50 -13.28
N SER B 175 6.67 5.23 -12.73
CA SER B 175 7.51 6.29 -12.19
C SER B 175 7.89 7.30 -13.27
N ALA B 176 8.20 6.82 -14.48
CA ALA B 176 8.66 7.72 -15.52
C ALA B 176 7.56 8.69 -15.95
N PHE B 177 6.36 8.17 -16.24
CA PHE B 177 5.26 9.05 -16.61
C PHE B 177 4.81 9.89 -15.43
N ARG B 178 4.88 9.36 -14.21
CA ARG B 178 4.61 10.17 -13.02
C ARG B 178 5.50 11.40 -13.00
N ASP B 179 6.81 11.18 -13.11
CA ASP B 179 7.75 12.29 -13.07
C ASP B 179 7.61 13.20 -14.28
N LEU B 180 7.21 12.66 -15.43
CA LEU B 180 7.00 13.51 -16.60
C LEU B 180 5.80 14.42 -16.40
N VAL B 181 4.71 13.88 -15.86
CA VAL B 181 3.56 14.71 -15.52
C VAL B 181 3.98 15.81 -14.55
N ILE B 182 4.82 15.45 -13.56
CA ILE B 182 5.28 16.46 -12.61
C ILE B 182 6.11 17.54 -13.32
N LYS B 183 7.00 17.12 -14.21
CA LYS B 183 7.84 18.09 -14.92
C LYS B 183 7.03 19.05 -15.76
N HIS B 184 5.90 18.60 -16.32
CA HIS B 184 5.06 19.50 -17.10
C HIS B 184 4.29 20.49 -16.23
N GLY B 185 4.37 20.36 -14.90
CA GLY B 185 3.82 21.36 -14.01
C GLY B 185 2.38 21.12 -13.59
N ALA B 186 2.01 19.86 -13.37
CA ALA B 186 0.63 19.54 -13.03
C ALA B 186 0.29 19.85 -11.57
N ILE B 187 1.29 19.79 -10.68
CA ILE B 187 0.99 19.83 -9.25
C ILE B 187 0.36 21.17 -8.87
N ASP B 188 0.92 22.27 -9.37
CA ASP B 188 0.37 23.59 -9.03
C ASP B 188 -1.10 23.72 -9.37
N PRO B 189 -1.53 23.49 -10.62
CA PRO B 189 -2.97 23.61 -10.91
C PRO B 189 -3.83 22.56 -10.20
N LEU B 190 -3.33 21.34 -10.04
CA LEU B 190 -4.07 20.33 -9.28
C LEU B 190 -4.36 20.83 -7.88
N LEU B 191 -3.33 21.29 -7.17
CA LEU B 191 -3.51 21.77 -5.81
C LEU B 191 -4.36 23.04 -5.79
N ALA B 192 -4.25 23.89 -6.81
CA ALA B 192 -5.09 25.07 -6.89
C ALA B 192 -6.56 24.70 -6.91
N LEU B 193 -6.90 23.58 -7.56
CA LEU B 193 -8.30 23.15 -7.56
C LEU B 193 -8.81 22.82 -6.16
N LEU B 194 -7.92 22.47 -5.24
CA LEU B 194 -8.30 22.08 -3.89
C LEU B 194 -8.10 23.19 -2.86
N ALA B 195 -7.71 24.39 -3.28
CA ALA B 195 -7.44 25.47 -2.35
C ALA B 195 -8.73 26.22 -2.04
N VAL B 196 -9.57 25.55 -1.23
CA VAL B 196 -10.84 26.10 -0.80
C VAL B 196 -10.89 26.10 0.72
N PRO B 197 -11.63 27.02 1.35
CA PRO B 197 -11.70 27.00 2.82
C PRO B 197 -12.25 25.70 3.37
N ASP B 198 -13.28 25.14 2.75
CA ASP B 198 -13.91 23.91 3.21
C ASP B 198 -14.07 22.96 2.03
N LEU B 199 -13.43 21.79 2.12
CA LEU B 199 -13.51 20.82 1.03
C LEU B 199 -14.93 20.33 0.79
N SER B 200 -15.82 20.46 1.79
CA SER B 200 -17.18 19.97 1.62
C SER B 200 -17.96 20.74 0.57
N THR B 201 -17.49 21.91 0.16
CA THR B 201 -18.17 22.68 -0.88
C THR B 201 -17.89 22.16 -2.28
N LEU B 202 -16.92 21.26 -2.45
CA LEU B 202 -16.65 20.69 -3.74
C LEU B 202 -17.57 19.50 -4.00
N ALA B 203 -17.79 19.20 -5.28
CA ALA B 203 -18.57 18.03 -5.64
C ALA B 203 -17.83 16.77 -5.20
N CYS B 204 -18.59 15.79 -4.73
CA CYS B 204 -17.99 14.57 -4.18
C CYS B 204 -17.11 13.86 -5.21
N GLY B 205 -17.66 13.61 -6.41
CA GLY B 205 -16.89 12.89 -7.41
C GLY B 205 -15.65 13.65 -7.87
N TYR B 206 -15.78 14.97 -8.01
CA TYR B 206 -14.65 15.81 -8.35
C TYR B 206 -13.54 15.68 -7.32
N LEU B 207 -13.90 15.77 -6.04
CA LEU B 207 -12.91 15.65 -4.97
C LEU B 207 -12.28 14.27 -4.94
N ARG B 208 -13.07 13.23 -5.18
CA ARG B 208 -12.54 11.87 -5.20
C ARG B 208 -11.54 11.69 -6.33
N ASN B 209 -11.85 12.25 -7.50
CA ASN B 209 -10.92 12.13 -8.62
C ASN B 209 -9.63 12.89 -8.35
N LEU B 210 -9.74 14.10 -7.79
CA LEU B 210 -8.53 14.84 -7.42
C LEU B 210 -7.68 14.05 -6.44
N THR B 211 -8.32 13.45 -5.43
CA THR B 211 -7.56 12.69 -4.43
C THR B 211 -6.89 11.48 -5.06
N TRP B 212 -7.61 10.75 -5.94
CA TRP B 212 -7.02 9.59 -6.57
C TRP B 212 -5.82 9.97 -7.44
N THR B 213 -5.94 11.08 -8.18
CA THR B 213 -4.82 11.50 -9.02
C THR B 213 -3.61 11.94 -8.19
N LEU B 214 -3.84 12.68 -7.09
CA LEU B 214 -2.73 13.01 -6.20
C LEU B 214 -2.07 11.75 -5.64
N SER B 215 -2.89 10.76 -5.26
CA SER B 215 -2.32 9.52 -4.74
C SER B 215 -1.44 8.85 -5.78
N ASN B 216 -1.88 8.82 -7.04
CA ASN B 216 -1.04 8.27 -8.10
C ASN B 216 0.24 9.07 -8.26
N LEU B 217 0.18 10.39 -8.02
CA LEU B 217 1.41 11.18 -8.05
C LEU B 217 2.33 10.84 -6.89
N CYS B 218 1.80 10.25 -5.82
CA CYS B 218 2.63 9.77 -4.73
C CYS B 218 3.08 8.33 -4.89
N ARG B 219 2.60 7.62 -5.91
CA ARG B 219 2.77 6.19 -6.05
C ARG B 219 4.08 5.83 -6.77
N ASN B 220 4.51 4.58 -6.59
CA ASN B 220 5.60 3.94 -7.32
C ASN B 220 6.98 4.32 -6.82
N LYS B 221 7.95 3.45 -7.06
CA LYS B 221 9.31 3.57 -6.55
C LYS B 221 10.30 3.37 -7.68
N ASN B 222 11.59 3.43 -7.35
CA ASN B 222 12.66 3.23 -8.31
C ASN B 222 12.49 4.13 -9.54
N PRO B 223 12.49 5.46 -9.35
CA PRO B 223 12.65 6.15 -8.07
C PRO B 223 11.34 6.48 -7.40
N ALA B 224 11.41 6.88 -6.13
CA ALA B 224 10.27 7.45 -5.45
C ALA B 224 10.00 8.85 -6.02
N PRO B 225 8.83 9.41 -5.76
CA PRO B 225 8.52 10.74 -6.30
C PRO B 225 9.53 11.77 -5.85
N PRO B 226 9.68 12.87 -6.60
CA PRO B 226 10.65 13.90 -6.20
C PRO B 226 10.33 14.47 -4.84
N LEU B 227 11.37 14.69 -4.03
CA LEU B 227 11.17 15.14 -2.66
C LEU B 227 10.44 16.49 -2.63
N ASP B 228 10.82 17.42 -3.51
CA ASP B 228 10.14 18.70 -3.56
C ASP B 228 8.67 18.54 -3.92
N ALA B 229 8.36 17.62 -4.84
CA ALA B 229 6.97 17.35 -5.18
C ALA B 229 6.19 16.83 -3.98
N VAL B 230 6.80 15.91 -3.22
CA VAL B 230 6.14 15.37 -2.04
C VAL B 230 5.89 16.46 -1.01
N GLU B 231 6.88 17.33 -0.80
CA GLU B 231 6.69 18.43 0.14
C GLU B 231 5.58 19.36 -0.33
N GLN B 232 5.49 19.59 -1.64
CA GLN B 232 4.45 20.44 -2.18
C GLN B 232 3.06 19.82 -2.03
N ILE B 233 2.98 18.49 -2.10
CA ILE B 233 1.68 17.82 -2.06
C ILE B 233 1.22 17.57 -0.61
N LEU B 234 2.14 17.39 0.32
CA LEU B 234 1.77 16.83 1.62
C LEU B 234 0.73 17.64 2.38
N PRO B 235 0.80 18.98 2.44
CA PRO B 235 -0.23 19.71 3.23
C PRO B 235 -1.65 19.43 2.76
N THR B 236 -1.87 19.51 1.44
CA THR B 236 -3.18 19.18 0.90
C THR B 236 -3.54 17.74 1.21
N LEU B 237 -2.56 16.85 1.18
CA LEU B 237 -2.83 15.44 1.46
C LEU B 237 -3.30 15.24 2.90
N VAL B 238 -2.69 15.94 3.86
CA VAL B 238 -3.15 15.85 5.24
C VAL B 238 -4.57 16.39 5.36
N ARG B 239 -4.81 17.55 4.73
CA ARG B 239 -6.16 18.11 4.74
C ARG B 239 -7.18 17.10 4.21
N LEU B 240 -6.84 16.40 3.13
CA LEU B 240 -7.73 15.38 2.59
C LEU B 240 -7.87 14.19 3.54
N LEU B 241 -6.78 13.85 4.23
CA LEU B 241 -6.79 12.77 5.20
C LEU B 241 -7.72 13.06 6.37
N HIS B 242 -8.08 14.32 6.57
CA HIS B 242 -9.09 14.65 7.58
C HIS B 242 -10.49 14.84 6.98
N HIS B 243 -10.68 14.53 5.70
CA HIS B 243 -12.00 14.67 5.09
C HIS B 243 -12.88 13.48 5.47
N ASN B 244 -14.21 13.69 5.36
CA ASN B 244 -15.19 12.72 5.86
C ASN B 244 -15.71 11.77 4.80
N ASP B 245 -15.25 11.88 3.56
CA ASP B 245 -15.74 10.95 2.54
C ASP B 245 -14.94 9.66 2.56
N PRO B 246 -15.59 8.49 2.61
CA PRO B 246 -14.81 7.24 2.75
C PRO B 246 -13.82 7.00 1.62
N GLU B 247 -14.19 7.32 0.38
CA GLU B 247 -13.28 7.06 -0.73
C GLU B 247 -12.11 8.04 -0.72
N VAL B 248 -12.37 9.31 -0.40
CA VAL B 248 -11.29 10.27 -0.24
C VAL B 248 -10.33 9.80 0.84
N LEU B 249 -10.88 9.34 1.97
CA LEU B 249 -10.03 8.85 3.05
C LEU B 249 -9.21 7.65 2.61
N ALA B 250 -9.83 6.70 1.91
CA ALA B 250 -9.10 5.52 1.46
C ALA B 250 -7.95 5.89 0.54
N ASP B 251 -8.20 6.78 -0.42
CA ASP B 251 -7.15 7.15 -1.38
C ASP B 251 -6.07 8.00 -0.73
N SER B 252 -6.45 8.86 0.24
CA SER B 252 -5.45 9.59 0.99
C SER B 252 -4.55 8.64 1.80
N CYS B 253 -5.16 7.63 2.42
CA CYS B 253 -4.37 6.64 3.14
C CYS B 253 -3.46 5.86 2.21
N TRP B 254 -3.94 5.53 1.00
CA TRP B 254 -3.06 4.89 0.03
C TRP B 254 -1.87 5.79 -0.31
N ALA B 255 -2.13 7.08 -0.52
CA ALA B 255 -1.04 8.01 -0.83
C ALA B 255 -0.03 8.04 0.31
N ILE B 256 -0.51 8.15 1.54
CA ILE B 256 0.40 8.18 2.69
C ILE B 256 1.19 6.88 2.79
N SER B 257 0.54 5.75 2.48
CA SER B 257 1.22 4.47 2.54
C SER B 257 2.31 4.38 1.49
N TYR B 258 2.08 4.97 0.32
CA TYR B 258 3.14 5.06 -0.68
C TYR B 258 4.29 5.91 -0.17
N LEU B 259 3.97 7.10 0.38
CA LEU B 259 5.02 8.03 0.78
C LEU B 259 5.86 7.48 1.93
N THR B 260 5.29 6.58 2.74
CA THR B 260 6.01 6.00 3.86
C THR B 260 6.71 4.70 3.50
N ASP B 261 6.56 4.22 2.26
CA ASP B 261 7.24 3.00 1.82
C ASP B 261 8.59 3.39 1.21
N GLY B 262 9.58 3.54 2.09
CA GLY B 262 10.91 3.91 1.66
C GLY B 262 11.85 4.21 2.82
N PRO B 263 12.97 4.88 2.53
CA PRO B 263 13.93 5.23 3.59
C PRO B 263 13.29 6.02 4.72
N ASN B 264 14.00 6.05 5.86
CA ASN B 264 13.46 6.73 7.03
C ASN B 264 13.29 8.22 6.81
N GLU B 265 14.02 8.82 5.87
CA GLU B 265 13.84 10.24 5.59
C GLU B 265 12.45 10.53 5.02
N ARG B 266 11.95 9.65 4.15
CA ARG B 266 10.58 9.81 3.64
C ARG B 266 9.55 9.63 4.76
N ILE B 267 9.73 8.57 5.55
CA ILE B 267 8.87 8.35 6.72
C ILE B 267 8.85 9.61 7.58
N GLU B 268 10.02 10.25 7.74
CA GLU B 268 10.10 11.43 8.59
C GLU B 268 9.36 12.60 7.97
N MET B 269 9.52 12.80 6.66
CA MET B 269 8.73 13.82 5.97
C MET B 269 7.25 13.67 6.29
N VAL B 270 6.76 12.43 6.27
CA VAL B 270 5.33 12.22 6.53
C VAL B 270 5.02 12.44 8.01
N VAL B 271 5.73 11.74 8.89
CA VAL B 271 5.43 11.77 10.32
C VAL B 271 5.55 13.17 10.89
N LYS B 272 6.39 14.02 10.28
CA LYS B 272 6.56 15.38 10.78
C LYS B 272 5.30 16.21 10.60
N LYS B 273 4.46 15.85 9.64
CA LYS B 273 3.20 16.57 9.43
C LYS B 273 2.14 16.19 10.45
N GLY B 274 2.45 15.27 11.38
CA GLY B 274 1.54 14.96 12.46
C GLY B 274 0.34 14.12 12.07
N VAL B 275 0.47 13.28 11.04
CA VAL B 275 -0.66 12.48 10.55
C VAL B 275 -0.87 11.18 11.31
N VAL B 276 0.08 10.78 12.17
CA VAL B 276 0.01 9.46 12.80
C VAL B 276 -1.28 9.29 13.61
N PRO B 277 -1.70 10.25 14.43
CA PRO B 277 -2.96 10.06 15.16
C PRO B 277 -4.16 9.86 14.25
N GLN B 278 -4.23 10.62 13.15
CA GLN B 278 -5.32 10.42 12.21
C GLN B 278 -5.23 9.04 11.58
N LEU B 279 -4.01 8.56 11.31
CA LEU B 279 -3.85 7.22 10.76
C LEU B 279 -4.34 6.16 11.74
N VAL B 280 -4.08 6.35 13.04
CA VAL B 280 -4.55 5.37 14.03
C VAL B 280 -6.07 5.40 14.12
N LYS B 281 -6.65 6.61 14.13
CA LYS B 281 -8.10 6.73 14.07
C LYS B 281 -8.68 5.96 12.90
N LEU B 282 -8.12 6.17 11.70
CA LEU B 282 -8.61 5.46 10.52
C LEU B 282 -8.33 3.97 10.61
N LEU B 283 -7.25 3.60 11.30
CA LEU B 283 -7.00 2.19 11.60
C LEU B 283 -8.18 1.59 12.35
N GLY B 284 -8.86 2.40 13.15
CA GLY B 284 -10.08 1.94 13.79
C GLY B 284 -11.34 1.98 12.96
N ALA B 285 -11.26 2.33 11.67
CA ALA B 285 -12.46 2.51 10.87
C ALA B 285 -13.15 1.18 10.60
N THR B 286 -14.45 1.27 10.27
CA THR B 286 -15.23 0.10 9.93
C THR B 286 -15.08 -0.33 8.48
N GLU B 287 -14.69 0.60 7.59
CA GLU B 287 -14.57 0.29 6.18
C GLU B 287 -13.22 -0.35 5.90
N LEU B 288 -13.23 -1.61 5.47
CA LEU B 288 -12.01 -2.29 5.07
C LEU B 288 -11.18 -1.49 4.06
N PRO B 289 -11.76 -0.86 3.04
CA PRO B 289 -10.93 -0.05 2.12
C PRO B 289 -10.20 1.09 2.80
N ILE B 290 -10.61 1.50 3.99
CA ILE B 290 -9.86 2.50 4.75
C ILE B 290 -8.82 1.83 5.64
N VAL B 291 -9.21 0.74 6.31
CA VAL B 291 -8.31 0.10 7.26
C VAL B 291 -7.09 -0.48 6.55
N THR B 292 -7.30 -1.08 5.36
CA THR B 292 -6.17 -1.70 4.66
C THR B 292 -5.04 -0.71 4.42
N PRO B 293 -5.26 0.42 3.75
CA PRO B 293 -4.15 1.37 3.56
C PRO B 293 -3.66 2.02 4.84
N ALA B 294 -4.54 2.26 5.81
CA ALA B 294 -4.09 2.80 7.09
C ALA B 294 -3.10 1.86 7.76
N LEU B 295 -3.43 0.57 7.80
CA LEU B 295 -2.54 -0.41 8.40
C LEU B 295 -1.24 -0.54 7.61
N ARG B 296 -1.33 -0.52 6.28
CA ARG B 296 -0.11 -0.56 5.47
C ARG B 296 0.80 0.62 5.79
N ALA B 297 0.22 1.81 5.94
CA ALA B 297 1.02 2.99 6.26
C ALA B 297 1.63 2.89 7.65
N ILE B 298 0.85 2.42 8.63
CA ILE B 298 1.40 2.29 9.99
C ILE B 298 2.54 1.27 10.02
N GLY B 299 2.38 0.15 9.31
CA GLY B 299 3.47 -0.80 9.21
C GLY B 299 4.72 -0.18 8.60
N ASN B 300 4.55 0.50 7.47
CA ASN B 300 5.67 1.20 6.86
C ASN B 300 6.35 2.10 7.88
N ILE B 301 5.57 2.88 8.63
CA ILE B 301 6.15 3.84 9.56
C ILE B 301 6.97 3.10 10.62
N VAL B 302 6.45 1.99 11.15
CA VAL B 302 7.19 1.27 12.19
C VAL B 302 8.35 0.46 11.62
N THR B 303 8.54 0.45 10.30
CA THR B 303 9.82 -0.05 9.78
C THR B 303 10.95 0.96 9.94
N GLY B 304 10.67 2.16 10.45
CA GLY B 304 11.69 3.21 10.55
C GLY B 304 12.44 3.22 11.86
N THR B 305 12.76 4.41 12.37
CA THR B 305 13.52 4.51 13.61
C THR B 305 12.65 4.15 14.81
N ASP B 306 13.30 3.96 15.95
CA ASP B 306 12.54 3.69 17.18
C ASP B 306 11.72 4.90 17.60
N GLU B 307 12.16 6.12 17.23
CA GLU B 307 11.37 7.30 17.57
C GLU B 307 10.09 7.39 16.73
N GLN B 308 10.17 7.05 15.44
CA GLN B 308 8.97 7.03 14.61
C GLN B 308 8.00 5.93 15.08
N THR B 309 8.54 4.75 15.37
CA THR B 309 7.71 3.69 15.95
C THR B 309 7.07 4.16 17.25
N GLN B 310 7.81 4.92 18.07
CA GLN B 310 7.25 5.43 19.31
C GLN B 310 6.14 6.42 19.04
N LYS B 311 6.24 7.19 17.97
CA LYS B 311 5.12 8.06 17.61
C LYS B 311 3.88 7.23 17.31
N VAL B 312 4.06 6.08 16.64
CA VAL B 312 2.91 5.21 16.42
C VAL B 312 2.35 4.70 17.74
N ILE B 313 3.21 4.29 18.66
CA ILE B 313 2.75 3.73 19.93
C ILE B 313 2.03 4.80 20.75
N ASP B 314 2.60 6.01 20.81
CA ASP B 314 2.00 7.08 21.61
C ASP B 314 0.62 7.46 21.11
N ALA B 315 0.38 7.33 19.80
CA ALA B 315 -0.92 7.68 19.25
C ALA B 315 -2.01 6.68 19.63
N GLY B 316 -1.65 5.56 20.24
CA GLY B 316 -2.62 4.58 20.69
C GLY B 316 -2.83 3.41 19.76
N ALA B 317 -1.89 3.11 18.87
CA ALA B 317 -2.14 2.13 17.83
C ALA B 317 -2.28 0.73 18.41
N LEU B 318 -1.50 0.39 19.44
CA LEU B 318 -1.52 -0.97 19.95
C LEU B 318 -2.90 -1.38 20.45
N ALA B 319 -3.69 -0.42 20.94
CA ALA B 319 -5.02 -0.76 21.42
C ALA B 319 -5.92 -1.30 20.32
N VAL B 320 -5.59 -1.03 19.06
CA VAL B 320 -6.39 -1.55 17.96
C VAL B 320 -5.99 -2.97 17.57
N PHE B 321 -4.84 -3.46 18.05
CA PHE B 321 -4.33 -4.70 17.47
C PHE B 321 -5.02 -5.96 17.98
N PRO B 322 -5.71 -5.96 19.12
CA PRO B 322 -6.53 -7.14 19.44
C PRO B 322 -7.49 -7.49 18.32
N SER B 323 -8.14 -6.50 17.71
CA SER B 323 -9.05 -6.77 16.61
C SER B 323 -8.29 -7.08 15.33
N LEU B 324 -7.26 -6.29 15.01
CA LEU B 324 -6.52 -6.51 13.77
C LEU B 324 -5.92 -7.91 13.72
N LEU B 325 -5.35 -8.36 14.85
CA LEU B 325 -4.74 -9.69 14.90
C LEU B 325 -5.76 -10.81 14.93
N THR B 326 -7.05 -10.50 15.08
CA THR B 326 -8.11 -11.47 14.94
C THR B 326 -9.01 -11.17 13.75
N ASN B 327 -8.64 -10.21 12.92
CA ASN B 327 -9.51 -9.76 11.84
C ASN B 327 -9.82 -10.92 10.89
N PRO B 328 -11.06 -11.06 10.44
CA PRO B 328 -11.39 -12.18 9.54
C PRO B 328 -10.76 -12.08 8.16
N LYS B 329 -10.32 -10.90 7.74
CA LYS B 329 -9.61 -10.77 6.47
C LYS B 329 -8.16 -11.21 6.64
N THR B 330 -7.76 -12.22 5.88
CA THR B 330 -6.42 -12.77 6.02
C THR B 330 -5.35 -11.69 5.84
N ASN B 331 -5.52 -10.82 4.85
CA ASN B 331 -4.51 -9.81 4.58
C ASN B 331 -4.35 -8.85 5.75
N ILE B 332 -5.46 -8.50 6.41
CA ILE B 332 -5.37 -7.63 7.58
C ILE B 332 -4.56 -8.31 8.68
N GLN B 333 -4.84 -9.59 8.93
CA GLN B 333 -4.10 -10.31 9.97
C GLN B 333 -2.62 -10.36 9.64
N LYS B 334 -2.28 -10.69 8.38
CA LYS B 334 -0.89 -10.78 7.99
C LYS B 334 -0.18 -9.45 8.14
N GLU B 335 -0.81 -8.37 7.67
CA GLU B 335 -0.20 -7.04 7.77
C GLU B 335 -0.04 -6.60 9.21
N ALA B 336 -1.03 -6.92 10.06
CA ALA B 336 -0.95 -6.54 11.47
C ALA B 336 0.16 -7.33 12.18
N THR B 337 0.31 -8.61 11.86
CA THR B 337 1.37 -9.40 12.47
C THR B 337 2.74 -8.94 11.97
N TRP B 338 2.83 -8.52 10.71
CA TRP B 338 4.08 -7.94 10.21
C TRP B 338 4.40 -6.64 10.94
N THR B 339 3.41 -5.78 11.14
CA THR B 339 3.62 -4.56 11.92
C THR B 339 4.09 -4.89 13.33
N MET B 340 3.47 -5.90 13.95
CA MET B 340 3.89 -6.32 15.28
C MET B 340 5.33 -6.83 15.29
N SER B 341 5.73 -7.53 14.22
CA SER B 341 7.09 -8.06 14.17
C SER B 341 8.11 -6.94 14.12
N ASN B 342 7.79 -5.82 13.48
CA ASN B 342 8.70 -4.68 13.46
C ASN B 342 8.60 -3.83 14.71
N ILE B 343 7.50 -3.95 15.46
CA ILE B 343 7.45 -3.27 16.76
C ILE B 343 8.24 -4.05 17.79
N THR B 344 8.21 -5.39 17.74
CA THR B 344 8.98 -6.19 18.67
C THR B 344 10.48 -6.16 18.37
N ALA B 345 10.88 -5.65 17.22
CA ALA B 345 12.29 -5.45 16.92
C ALA B 345 12.84 -4.16 17.52
N GLY B 346 12.04 -3.42 18.25
CA GLY B 346 12.44 -2.14 18.80
C GLY B 346 13.03 -2.23 20.19
N ARG B 347 12.90 -1.15 20.94
CA ARG B 347 13.51 -1.05 22.26
C ARG B 347 12.75 -1.91 23.27
N GLN B 348 13.36 -2.10 24.44
CA GLN B 348 12.75 -2.95 25.45
C GLN B 348 11.53 -2.31 26.08
N ASP B 349 11.49 -0.98 26.17
CA ASP B 349 10.26 -0.32 26.64
C ASP B 349 9.13 -0.46 25.63
N GLN B 350 9.45 -0.55 24.34
CA GLN B 350 8.41 -0.75 23.33
C GLN B 350 7.87 -2.18 23.38
N ILE B 351 8.76 -3.16 23.52
CA ILE B 351 8.32 -4.52 23.81
C ILE B 351 7.44 -4.54 25.06
N GLN B 352 7.80 -3.75 26.07
CA GLN B 352 7.02 -3.71 27.29
C GLN B 352 5.64 -3.14 27.04
N GLN B 353 5.54 -2.15 26.15
CA GLN B 353 4.23 -1.62 25.78
C GLN B 353 3.41 -2.67 25.06
N VAL B 354 4.05 -3.47 24.20
CA VAL B 354 3.38 -4.61 23.59
C VAL B 354 2.82 -5.54 24.67
N VAL B 355 3.62 -5.80 25.70
CA VAL B 355 3.19 -6.67 26.78
C VAL B 355 2.01 -6.05 27.53
N ASN B 356 2.10 -4.76 27.85
CA ASN B 356 1.08 -4.10 28.65
C ASN B 356 -0.28 -4.09 27.93
N HIS B 357 -0.26 -3.91 26.62
CA HIS B 357 -1.50 -3.92 25.85
C HIS B 357 -2.08 -5.32 25.68
N GLY B 358 -1.43 -6.33 26.24
CA GLY B 358 -1.97 -7.68 26.20
C GLY B 358 -1.87 -8.35 24.86
N LEU B 359 -0.88 -8.00 24.05
CA LEU B 359 -0.80 -8.50 22.69
C LEU B 359 -0.02 -9.80 22.57
N VAL B 360 0.71 -10.20 23.62
CA VAL B 360 1.45 -11.47 23.55
C VAL B 360 0.51 -12.65 23.42
N PRO B 361 -0.60 -12.74 24.17
CA PRO B 361 -1.56 -13.83 23.91
C PRO B 361 -2.10 -13.82 22.49
N PHE B 362 -2.27 -12.64 21.89
CA PHE B 362 -2.74 -12.61 20.50
C PHE B 362 -1.69 -13.14 19.54
N LEU B 363 -0.41 -12.87 19.82
CA LEU B 363 0.64 -13.48 19.01
C LEU B 363 0.68 -14.98 19.19
N VAL B 364 0.49 -15.46 20.42
CA VAL B 364 0.38 -16.91 20.64
C VAL B 364 -0.77 -17.49 19.84
N GLY B 365 -1.90 -16.78 19.82
CA GLY B 365 -3.06 -17.26 19.07
C GLY B 365 -2.78 -17.36 17.59
N VAL B 366 -2.24 -16.28 17.01
CA VAL B 366 -1.94 -16.29 15.58
C VAL B 366 -0.94 -17.39 15.26
N LEU B 367 0.08 -17.57 16.11
CA LEU B 367 1.02 -18.66 15.90
C LEU B 367 0.34 -20.01 15.98
N SER B 368 -0.70 -20.13 16.81
CA SER B 368 -1.38 -21.40 16.96
C SER B 368 -2.25 -21.71 15.75
N LYS B 369 -2.91 -20.69 15.19
CA LYS B 369 -3.84 -20.91 14.09
C LYS B 369 -3.97 -19.63 13.29
N ALA B 370 -3.61 -19.69 12.01
CA ALA B 370 -3.75 -18.59 11.08
C ALA B 370 -3.27 -19.09 9.72
N ASP B 371 -3.45 -18.26 8.69
CA ASP B 371 -2.82 -18.56 7.41
C ASP B 371 -1.33 -18.69 7.61
N PHE B 372 -0.71 -19.61 6.86
CA PHE B 372 0.70 -19.93 7.10
C PHE B 372 1.59 -18.69 7.00
N LYS B 373 1.29 -17.78 6.07
CA LYS B 373 2.10 -16.57 5.93
C LYS B 373 2.00 -15.70 7.19
N THR B 374 0.79 -15.57 7.73
CA THR B 374 0.64 -14.85 9.00
C THR B 374 1.42 -15.55 10.10
N GLN B 375 1.45 -16.88 10.08
CA GLN B 375 2.21 -17.62 11.07
C GLN B 375 3.71 -17.36 10.93
N LYS B 376 4.18 -17.20 9.69
CA LYS B 376 5.58 -16.83 9.49
C LYS B 376 5.87 -15.46 10.08
N GLU B 377 4.99 -14.49 9.81
CA GLU B 377 5.17 -13.17 10.40
C GLU B 377 5.15 -13.24 11.92
N ALA B 378 4.30 -14.10 12.49
CA ALA B 378 4.26 -14.25 13.94
C ALA B 378 5.54 -14.87 14.48
N ALA B 379 6.07 -15.88 13.79
CA ALA B 379 7.34 -16.46 14.20
C ALA B 379 8.45 -15.42 14.17
N TRP B 380 8.48 -14.58 13.13
CA TRP B 380 9.47 -13.50 13.07
C TRP B 380 9.29 -12.53 14.23
N ALA B 381 8.03 -12.19 14.56
CA ALA B 381 7.78 -11.31 15.69
C ALA B 381 8.31 -11.92 16.98
N ILE B 382 8.13 -13.24 17.15
CA ILE B 382 8.63 -13.90 18.35
C ILE B 382 10.15 -13.88 18.38
N THR B 383 10.79 -14.10 17.23
CA THR B 383 12.25 -14.09 17.21
C THR B 383 12.80 -12.71 17.55
N ASN B 384 12.20 -11.65 17.00
CA ASN B 384 12.62 -10.30 17.35
C ASN B 384 12.41 -10.03 18.83
N TYR B 385 11.23 -10.39 19.36
CA TYR B 385 10.93 -10.24 20.77
C TYR B 385 12.00 -10.90 21.63
N THR B 386 12.34 -12.16 21.30
CA THR B 386 13.29 -12.89 22.13
C THR B 386 14.70 -12.37 21.97
N SER B 387 15.04 -11.84 20.80
CA SER B 387 16.38 -11.32 20.59
C SER B 387 16.60 -10.00 21.34
N GLY B 388 15.56 -9.17 21.43
CA GLY B 388 15.72 -7.86 22.02
C GLY B 388 15.17 -7.69 23.43
N GLY B 389 14.41 -8.67 23.91
CA GLY B 389 13.69 -8.52 25.16
C GLY B 389 14.52 -8.87 26.39
N THR B 390 14.05 -8.39 27.54
CA THR B 390 14.63 -8.76 28.82
C THR B 390 14.32 -10.21 29.14
N VAL B 391 15.04 -10.75 30.13
CA VAL B 391 14.78 -12.11 30.57
C VAL B 391 13.37 -12.24 31.12
N GLU B 392 12.89 -11.20 31.81
CA GLU B 392 11.53 -11.23 32.35
C GLU B 392 10.50 -11.26 31.23
N GLN B 393 10.72 -10.48 30.17
CA GLN B 393 9.78 -10.48 29.05
C GLN B 393 9.76 -11.83 28.33
N ILE B 394 10.94 -12.45 28.16
CA ILE B 394 10.98 -13.76 27.52
C ILE B 394 10.30 -14.81 28.39
N VAL B 395 10.52 -14.74 29.71
CA VAL B 395 9.83 -15.65 30.62
C VAL B 395 8.33 -15.49 30.50
N TYR B 396 7.85 -14.24 30.48
CA TYR B 396 6.43 -13.98 30.30
C TYR B 396 5.92 -14.60 29.01
N LEU B 397 6.68 -14.40 27.92
CA LEU B 397 6.33 -15.03 26.64
C LEU B 397 6.11 -16.53 26.82
N VAL B 398 7.01 -17.18 27.55
CA VAL B 398 6.86 -18.62 27.76
C VAL B 398 5.62 -18.92 28.60
N HIS B 399 5.35 -18.09 29.61
CA HIS B 399 4.18 -18.32 30.45
C HIS B 399 2.88 -18.17 29.68
N CYS B 400 2.88 -17.44 28.56
CA CYS B 400 1.68 -17.30 27.74
C CYS B 400 1.44 -18.50 26.84
N GLY B 401 2.38 -19.43 26.75
CA GLY B 401 2.17 -20.66 25.99
C GLY B 401 2.75 -20.64 24.59
N ILE B 402 3.88 -19.98 24.39
CA ILE B 402 4.43 -19.85 23.04
C ILE B 402 5.07 -21.15 22.57
N ILE B 403 5.53 -21.98 23.52
CA ILE B 403 6.39 -23.10 23.16
C ILE B 403 5.65 -24.12 22.29
N GLU B 404 4.42 -24.47 22.65
CA GLU B 404 3.74 -25.52 21.92
C GLU B 404 3.46 -25.15 20.47
N PRO B 405 2.85 -23.98 20.17
CA PRO B 405 2.68 -23.63 18.75
C PRO B 405 4.00 -23.39 18.04
N LEU B 406 4.98 -22.80 18.74
CA LEU B 406 6.29 -22.62 18.12
C LEU B 406 6.87 -23.95 17.68
N MET B 407 6.72 -25.00 18.49
CA MET B 407 7.23 -26.31 18.14
C MET B 407 6.38 -26.95 17.04
N ASN B 408 5.06 -26.80 17.11
CA ASN B 408 4.21 -27.34 16.06
C ASN B 408 4.62 -26.80 14.70
N LEU B 409 5.01 -25.53 14.64
CA LEU B 409 5.38 -24.93 13.36
C LEU B 409 6.71 -25.45 12.81
N LEU B 410 7.45 -26.25 13.58
CA LEU B 410 8.69 -26.82 13.09
C LEU B 410 8.48 -28.01 12.15
N SER B 411 7.24 -28.31 11.80
CA SER B 411 6.92 -29.35 10.82
C SER B 411 6.58 -28.77 9.45
N ALA B 412 6.79 -27.48 9.25
CA ALA B 412 6.48 -26.85 7.98
C ALA B 412 7.59 -27.13 6.96
N LYS B 413 7.20 -27.18 5.69
CA LYS B 413 8.17 -27.39 4.63
C LYS B 413 9.07 -26.17 4.42
N ASP B 414 8.62 -25.00 4.84
CA ASP B 414 9.41 -23.78 4.66
C ASP B 414 10.66 -23.83 5.53
N THR B 415 11.81 -23.58 4.90
CA THR B 415 13.08 -23.63 5.62
C THR B 415 13.30 -22.37 6.46
N LYS B 416 12.90 -21.21 5.93
CA LYS B 416 13.12 -19.95 6.62
C LYS B 416 12.39 -19.93 7.96
N ILE B 417 11.15 -20.43 8.00
CA ILE B 417 10.42 -20.41 9.26
C ILE B 417 11.09 -21.34 10.27
N ILE B 418 11.65 -22.45 9.81
CA ILE B 418 12.37 -23.35 10.71
C ILE B 418 13.59 -22.65 11.29
N GLN B 419 14.35 -21.94 10.45
CA GLN B 419 15.49 -21.17 10.95
C GLN B 419 15.05 -20.15 11.99
N VAL B 420 13.97 -19.43 11.68
CA VAL B 420 13.48 -18.38 12.59
C VAL B 420 13.09 -19.00 13.93
N ILE B 421 12.36 -20.12 13.90
CA ILE B 421 11.89 -20.75 15.12
C ILE B 421 13.08 -21.28 15.94
N LEU B 422 14.08 -21.84 15.26
CA LEU B 422 15.25 -22.34 15.98
C LEU B 422 16.02 -21.21 16.64
N ASP B 423 16.15 -20.08 15.96
CA ASP B 423 16.81 -18.92 16.58
C ASP B 423 16.02 -18.44 17.79
N ALA B 424 14.70 -18.37 17.68
CA ALA B 424 13.88 -17.96 18.81
C ALA B 424 14.05 -18.92 19.99
N ILE B 425 14.08 -20.22 19.71
CA ILE B 425 14.25 -21.20 20.78
C ILE B 425 15.61 -21.06 21.43
N SER B 426 16.65 -20.78 20.63
CA SER B 426 17.97 -20.55 21.21
C SER B 426 17.96 -19.34 22.14
N ASN B 427 17.30 -18.26 21.72
CA ASN B 427 17.24 -17.07 22.57
C ASN B 427 16.50 -17.37 23.87
N ILE B 428 15.40 -18.13 23.79
CA ILE B 428 14.66 -18.48 24.99
C ILE B 428 15.51 -19.36 25.91
N PHE B 429 16.27 -20.28 25.32
CA PHE B 429 17.16 -21.11 26.12
C PHE B 429 18.26 -20.29 26.77
N GLN B 430 18.74 -19.24 26.10
CA GLN B 430 19.73 -18.36 26.72
C GLN B 430 19.14 -17.63 27.91
N ALA B 431 17.91 -17.12 27.78
CA ALA B 431 17.23 -16.53 28.93
C ALA B 431 17.13 -17.54 30.07
N ALA B 432 16.73 -18.78 29.75
CA ALA B 432 16.60 -19.81 30.79
C ALA B 432 17.95 -20.07 31.45
N GLU B 433 19.03 -20.13 30.67
CA GLU B 433 20.36 -20.26 31.25
C GLU B 433 20.64 -19.12 32.23
N LYS B 434 20.32 -17.89 31.84
CA LYS B 434 20.49 -16.77 32.76
C LYS B 434 19.66 -16.94 34.02
N LEU B 435 18.57 -17.71 33.95
CA LEU B 435 17.79 -18.05 35.14
C LEU B 435 18.10 -19.44 35.70
N GLY B 436 18.95 -20.21 35.02
CA GLY B 436 19.24 -21.55 35.49
C GLY B 436 18.05 -22.49 35.46
N GLU B 437 17.13 -22.29 34.52
CA GLU B 437 15.94 -23.11 34.39
C GLU B 437 15.92 -23.84 33.05
N THR B 438 17.10 -24.15 32.51
CA THR B 438 17.17 -24.80 31.20
C THR B 438 16.50 -26.17 31.22
N GLU B 439 16.58 -26.89 32.34
CA GLU B 439 16.00 -28.23 32.38
C GLU B 439 14.48 -28.18 32.29
N LYS B 440 13.86 -27.20 32.96
CA LYS B 440 12.41 -27.03 32.85
C LYS B 440 12.02 -26.79 31.40
N LEU B 441 12.74 -25.91 30.71
CA LEU B 441 12.42 -25.62 29.31
C LEU B 441 12.62 -26.85 28.43
N SER B 442 13.68 -27.62 28.68
CA SER B 442 13.91 -28.84 27.90
C SER B 442 12.77 -29.82 28.11
N ILE B 443 12.32 -30.00 29.35
CA ILE B 443 11.21 -30.90 29.62
C ILE B 443 9.96 -30.42 28.90
N MET B 444 9.67 -29.11 29.00
CA MET B 444 8.51 -28.56 28.30
C MET B 444 8.58 -28.87 26.81
N ILE B 445 9.74 -28.64 26.20
CA ILE B 445 9.89 -28.89 24.77
C ILE B 445 9.70 -30.36 24.45
N GLU B 446 10.18 -31.24 25.33
CA GLU B 446 10.06 -32.67 25.08
C GLU B 446 8.62 -33.15 25.21
N GLU B 447 7.85 -32.56 26.13
CA GLU B 447 6.50 -33.04 26.38
C GLU B 447 5.59 -32.77 25.18
N CYS B 448 5.77 -31.64 24.51
CA CYS B 448 4.94 -31.29 23.36
C CYS B 448 5.41 -31.93 22.06
N GLY B 449 6.46 -32.74 22.11
CA GLY B 449 6.98 -33.37 20.91
C GLY B 449 7.98 -32.55 20.13
N GLY B 450 8.56 -31.51 20.74
CA GLY B 450 9.51 -30.68 20.02
C GLY B 450 10.89 -31.30 19.91
N LEU B 451 11.31 -32.06 20.91
CA LEU B 451 12.61 -32.72 20.84
C LEU B 451 12.68 -33.65 19.64
N ASP B 452 11.59 -34.37 19.36
CA ASP B 452 11.56 -35.23 18.19
C ASP B 452 11.73 -34.41 16.91
N LYS B 453 11.03 -33.29 16.81
CA LYS B 453 11.14 -32.45 15.62
C LYS B 453 12.57 -31.96 15.42
N ILE B 454 13.22 -31.52 16.50
CA ILE B 454 14.56 -30.97 16.38
C ILE B 454 15.56 -32.08 16.04
N GLU B 455 15.38 -33.26 16.64
CA GLU B 455 16.24 -34.39 16.31
C GLU B 455 16.09 -34.78 14.85
N ALA B 456 14.87 -34.72 14.32
CA ALA B 456 14.68 -34.98 12.89
C ALA B 456 15.32 -33.88 12.05
N LEU B 457 15.25 -32.63 12.51
CA LEU B 457 15.86 -31.53 11.78
C LEU B 457 17.38 -31.66 11.73
N GLN B 458 17.97 -32.33 12.73
CA GLN B 458 19.41 -32.58 12.69
C GLN B 458 19.86 -33.13 11.34
N ARG B 459 18.97 -33.81 10.63
CA ARG B 459 19.26 -34.39 9.31
C ARG B 459 18.32 -33.74 8.29
N HIS B 460 18.53 -32.45 8.03
CA HIS B 460 17.68 -31.68 7.15
C HIS B 460 18.52 -31.10 6.01
N GLU B 461 17.89 -30.93 4.85
CA GLU B 461 18.59 -30.47 3.66
C GLU B 461 19.41 -29.21 3.94
N ASN B 462 18.75 -28.15 4.38
CA ASN B 462 19.42 -26.88 4.61
C ASN B 462 20.54 -27.06 5.63
N GLU B 463 21.54 -26.19 5.54
CA GLU B 463 22.74 -26.28 6.37
C GLU B 463 22.55 -25.60 7.73
N SER B 464 22.26 -24.29 7.71
CA SER B 464 22.01 -23.55 8.93
C SER B 464 21.00 -24.28 9.82
N VAL B 465 19.97 -24.86 9.21
CA VAL B 465 18.94 -25.56 9.98
C VAL B 465 19.56 -26.66 10.82
N TYR B 466 20.25 -27.60 10.16
CA TYR B 466 20.74 -28.77 10.90
C TYR B 466 21.86 -28.37 11.85
N LYS B 467 22.64 -27.35 11.52
CA LYS B 467 23.67 -26.90 12.46
C LYS B 467 23.04 -26.36 13.74
N ALA B 468 22.06 -25.47 13.62
CA ALA B 468 21.40 -24.93 14.80
C ALA B 468 20.71 -26.03 15.59
N SER B 469 20.05 -26.96 14.91
CA SER B 469 19.34 -28.02 15.62
C SER B 469 20.30 -28.92 16.37
N LEU B 470 21.41 -29.30 15.74
CA LEU B 470 22.40 -30.13 16.43
C LEU B 470 22.98 -29.39 17.62
N ASN B 471 23.24 -28.08 17.47
CA ASN B 471 23.74 -27.31 18.60
C ASN B 471 22.75 -27.36 19.77
N LEU B 472 21.47 -27.15 19.48
CA LEU B 472 20.46 -27.20 20.55
C LEU B 472 20.46 -28.57 21.22
N ILE B 473 20.43 -29.64 20.42
CA ILE B 473 20.37 -30.99 21.00
C ILE B 473 21.58 -31.23 21.89
N GLU B 474 22.78 -30.88 21.42
CA GLU B 474 23.98 -31.13 22.20
C GLU B 474 23.99 -30.29 23.47
N LYS B 475 23.51 -29.05 23.40
CA LYS B 475 23.70 -28.10 24.48
C LYS B 475 22.67 -28.26 25.58
N TYR B 476 21.44 -28.67 25.25
CA TYR B 476 20.37 -28.70 26.24
C TYR B 476 19.64 -30.04 26.36
N PHE B 477 19.87 -30.98 25.45
CA PHE B 477 19.19 -32.28 25.49
C PHE B 477 20.25 -33.38 25.45
N SER B 478 20.95 -33.54 26.58
CA SER B 478 22.00 -34.54 26.69
C SER B 478 21.60 -35.64 27.68
#